data_7CC2
#
_entry.id   7CC2
#
_cell.length_a   116.489
_cell.length_b   127.939
_cell.length_c   56.760
_cell.angle_alpha   90.000
_cell.angle_beta   90.000
_cell.angle_gamma   90.000
#
_symmetry.space_group_name_H-M   'P 21 21 2'
#
loop_
_entity.id
_entity.type
_entity.pdbx_description
1 polymer 'Tyrosine-protein kinase ABL1'
2 non-polymer '[4-[5-[5-(dimethylcarbamoyl)pyridin-3-yl]-1H-pyrrolo[2,3-b]pyridin-3-yl]-2-methyl-phenyl]boronic acid'
3 water water
#
_entity_poly.entity_id   1
_entity_poly.type   'polypeptide(L)'
_entity_poly.pdbx_seq_one_letter_code
;MGSSHHHHHHSSGLVPRGSHMENLYFQSSPNYDKWEMERTDITMKHKLGGGQYGEVYEGVWKKYSLTVAVKTLKEDTMEV
EEFLKEAAVMKEIKHPNLVQLLGVCTREPPFYIITEFMTYGNLLDYLRECNRQEVNAVVLLYMATQISSAMEYLEKKNFI
HRDLAARNCLVGENHLVKVADFGLSRLMTGDTYTAHAGAKFPIKWTAPESLAYNKFSIKSDVWAFGVLLWEIATYGMSPY
PGIDLSQVYELLEKDYRMERPEGCPEKVYELMRACWQWNPSDRPSFAEIHQAFETMFQESSISDEVEKEL
;
_entity_poly.pdbx_strand_id   A,B
#
# COMPACT_ATOMS: atom_id res chain seq x y z
N ASP A 33 -6.30 3.04 20.23
CA ASP A 33 -6.56 2.09 19.16
C ASP A 33 -7.37 0.93 19.72
N LYS A 34 -8.71 1.06 19.72
CA LYS A 34 -9.55 0.02 20.32
C LYS A 34 -9.25 -1.36 19.74
N TRP A 35 -8.65 -1.43 18.55
CA TRP A 35 -8.46 -2.71 17.88
C TRP A 35 -7.28 -3.50 18.45
N GLU A 36 -6.45 -2.88 19.28
CA GLU A 36 -5.29 -3.55 19.83
C GLU A 36 -5.65 -4.27 21.13
N MET A 37 -5.07 -5.44 21.33
CA MET A 37 -5.33 -6.23 22.53
C MET A 37 -4.09 -7.07 22.83
N GLU A 38 -4.07 -7.68 24.00
CA GLU A 38 -2.94 -8.47 24.45
C GLU A 38 -3.15 -9.95 24.13
N ARG A 39 -2.10 -10.62 23.66
CA ARG A 39 -2.24 -12.02 23.24
C ARG A 39 -2.78 -12.92 24.34
N THR A 40 -2.54 -12.60 25.60
CA THR A 40 -3.10 -13.46 26.65
C THR A 40 -4.63 -13.41 26.72
N ASP A 41 -5.27 -12.55 25.92
CA ASP A 41 -6.73 -12.54 25.88
C ASP A 41 -7.29 -13.67 25.01
N ILE A 42 -6.43 -14.35 24.25
CA ILE A 42 -6.83 -15.41 23.33
C ILE A 42 -6.16 -16.70 23.75
N THR A 43 -6.92 -17.80 23.72
CA THR A 43 -6.39 -19.14 23.95
C THR A 43 -6.48 -19.97 22.67
N MET A 44 -5.34 -20.54 22.26
CA MET A 44 -5.26 -21.30 21.01
C MET A 44 -5.78 -22.71 21.19
N LYS A 45 -6.60 -23.15 20.25
CA LYS A 45 -7.29 -24.43 20.34
C LYS A 45 -6.75 -25.40 19.30
N HIS A 46 -7.10 -25.22 18.02
CA HIS A 46 -6.62 -26.12 16.98
C HIS A 46 -6.08 -25.33 15.80
N LYS A 47 -5.00 -25.85 15.19
CA LYS A 47 -4.47 -25.26 13.97
C LYS A 47 -5.42 -25.59 12.82
N LEU A 48 -5.53 -24.67 11.87
CA LEU A 48 -6.35 -24.95 10.71
C LEU A 48 -5.50 -25.08 9.44
N GLU A 55 -0.51 -20.60 9.10
CA GLU A 55 -0.70 -20.66 10.55
C GLU A 55 -1.92 -19.87 11.02
N VAL A 56 -3.09 -20.45 10.77
CA VAL A 56 -4.36 -19.90 11.22
C VAL A 56 -4.92 -20.87 12.25
N TYR A 57 -5.34 -20.33 13.39
CA TYR A 57 -5.83 -21.13 14.50
C TYR A 57 -7.28 -20.85 14.80
N GLU A 58 -7.98 -21.90 15.25
CA GLU A 58 -9.22 -21.72 15.99
C GLU A 58 -8.86 -21.36 17.42
N GLY A 59 -9.52 -20.32 17.96
CA GLY A 59 -9.20 -19.83 19.29
C GLY A 59 -10.42 -19.38 20.03
N VAL A 60 -10.21 -19.05 21.31
CA VAL A 60 -11.26 -18.56 22.19
C VAL A 60 -10.84 -17.21 22.75
N TRP A 61 -11.65 -16.20 22.50
CA TRP A 61 -11.52 -14.90 23.17
C TRP A 61 -12.17 -15.03 24.53
N LYS A 62 -11.35 -15.25 25.56
CA LYS A 62 -11.86 -15.64 26.88
C LYS A 62 -12.75 -14.57 27.50
N LYS A 63 -12.59 -13.30 27.11
CA LYS A 63 -13.37 -12.22 27.70
C LYS A 63 -14.83 -12.24 27.27
N TYR A 64 -15.17 -12.97 26.20
CA TYR A 64 -16.56 -13.09 25.76
C TYR A 64 -16.96 -14.53 25.47
N SER A 65 -16.11 -15.51 25.82
CA SER A 65 -16.37 -16.92 25.54
C SER A 65 -16.76 -17.15 24.08
N LEU A 66 -16.12 -16.41 23.18
CA LEU A 66 -16.45 -16.45 21.76
C LEU A 66 -15.34 -17.13 20.98
N THR A 67 -15.70 -18.15 20.20
CA THR A 67 -14.73 -18.81 19.33
C THR A 67 -14.33 -17.85 18.21
N VAL A 68 -13.03 -17.74 17.95
CA VAL A 68 -12.50 -16.81 16.97
C VAL A 68 -11.44 -17.50 16.12
N ALA A 69 -11.14 -16.88 14.98
CA ALA A 69 -10.04 -17.28 14.13
C ALA A 69 -8.86 -16.36 14.36
N VAL A 70 -7.67 -16.95 14.53
CA VAL A 70 -6.47 -16.17 14.81
C VAL A 70 -5.40 -16.48 13.78
N LYS A 71 -5.02 -15.24 13.16
CA LYS A 71 -4.02 -15.60 12.18
C LYS A 71 -2.67 -15.06 12.62
N THR A 72 -1.59 -16.01 12.64
CA THR A 72 -0.39 -15.52 13.30
C THR A 72 0.77 -15.38 12.32
N LEU A 73 1.69 -14.46 12.62
CA LEU A 73 2.86 -14.21 11.78
C LEU A 73 4.09 -14.41 12.62
N LYS A 74 4.90 -15.42 12.27
CA LYS A 74 6.13 -15.74 12.98
C LYS A 74 7.16 -14.62 12.91
N GLU A 75 7.80 -14.46 11.74
CA GLU A 75 8.90 -13.54 11.56
C GLU A 75 8.40 -12.14 11.18
N ASP A 76 9.34 -11.21 11.13
CA ASP A 76 9.10 -9.81 10.80
C ASP A 76 9.70 -9.53 9.42
N THR A 77 8.98 -9.97 8.39
CA THR A 77 9.39 -9.80 7.00
C THR A 77 8.51 -8.74 6.35
N MET A 78 8.95 -8.26 5.19
CA MET A 78 8.18 -7.25 4.48
C MET A 78 6.90 -7.81 3.89
N GLU A 79 6.84 -9.13 3.66
CA GLU A 79 5.59 -9.73 3.24
C GLU A 79 4.61 -9.78 4.41
N VAL A 80 5.13 -9.91 5.63
CA VAL A 80 4.28 -9.86 6.82
C VAL A 80 3.73 -8.45 7.00
N GLU A 81 4.59 -7.44 6.90
CA GLU A 81 4.16 -6.07 7.18
C GLU A 81 3.06 -5.62 6.24
N GLU A 82 3.07 -6.10 4.99
CA GLU A 82 1.97 -5.78 4.08
C GLU A 82 0.67 -6.45 4.51
N PHE A 83 0.76 -7.65 5.11
CA PHE A 83 -0.44 -8.31 5.62
C PHE A 83 -1.09 -7.49 6.73
N LEU A 84 -0.27 -6.92 7.61
CA LEU A 84 -0.81 -6.15 8.74
C LEU A 84 -1.30 -4.78 8.31
N LYS A 85 -0.71 -4.21 7.25
CA LYS A 85 -1.25 -2.97 6.70
C LYS A 85 -2.58 -3.19 6.02
N GLU A 86 -2.85 -4.43 5.59
CA GLU A 86 -4.16 -4.82 5.10
C GLU A 86 -5.15 -5.02 6.25
N ALA A 87 -4.66 -5.42 7.42
CA ALA A 87 -5.54 -5.51 8.58
C ALA A 87 -6.06 -4.14 9.00
N ALA A 88 -5.25 -3.09 8.81
CA ALA A 88 -5.72 -1.73 9.06
C ALA A 88 -6.93 -1.41 8.18
N VAL A 89 -6.92 -1.90 6.94
CA VAL A 89 -8.03 -1.67 6.03
C VAL A 89 -9.29 -2.36 6.56
N MET A 90 -9.13 -3.53 7.17
CA MET A 90 -10.27 -4.26 7.71
C MET A 90 -10.98 -3.50 8.84
N LYS A 91 -10.33 -2.49 9.42
CA LYS A 91 -10.94 -1.73 10.50
C LYS A 91 -12.07 -0.84 10.01
N GLU A 92 -12.06 -0.46 8.73
CA GLU A 92 -13.07 0.41 8.16
C GLU A 92 -14.23 -0.34 7.52
N ILE A 93 -14.15 -1.67 7.44
CA ILE A 93 -15.13 -2.47 6.73
C ILE A 93 -16.07 -3.14 7.71
N LYS A 94 -17.38 -3.01 7.46
CA LYS A 94 -18.39 -3.72 8.25
C LYS A 94 -19.57 -4.00 7.35
N HIS A 95 -19.82 -5.27 7.06
CA HIS A 95 -20.91 -5.72 6.21
C HIS A 95 -21.25 -7.14 6.66
N PRO A 96 -22.53 -7.49 6.69
CA PRO A 96 -22.91 -8.84 7.17
C PRO A 96 -22.25 -9.97 6.40
N ASN A 97 -21.92 -9.77 5.12
CA ASN A 97 -21.36 -10.83 4.29
C ASN A 97 -19.87 -10.64 4.04
N LEU A 98 -19.18 -9.91 4.92
CA LEU A 98 -17.73 -9.83 4.93
C LEU A 98 -17.23 -10.29 6.29
N VAL A 99 -16.10 -11.00 6.29
CA VAL A 99 -15.54 -11.51 7.53
C VAL A 99 -15.15 -10.33 8.43
N GLN A 100 -15.66 -10.33 9.66
CA GLN A 100 -15.48 -9.20 10.56
C GLN A 100 -14.16 -9.31 11.30
N LEU A 101 -13.40 -8.21 11.30
CA LEU A 101 -12.21 -8.11 12.12
C LEU A 101 -12.59 -7.86 13.57
N LEU A 102 -11.90 -8.53 14.49
CA LEU A 102 -12.17 -8.39 15.92
C LEU A 102 -11.06 -7.72 16.70
N GLY A 103 -9.80 -7.94 16.34
CA GLY A 103 -8.70 -7.31 17.04
C GLY A 103 -7.38 -7.70 16.43
N VAL A 104 -6.33 -7.00 16.86
CA VAL A 104 -4.97 -7.22 16.35
C VAL A 104 -3.98 -7.18 17.51
N CYS A 105 -2.80 -7.75 17.27
CA CYS A 105 -1.66 -7.70 18.19
C CYS A 105 -0.45 -7.19 17.41
N THR A 106 -0.33 -5.86 17.32
CA THR A 106 0.68 -5.19 16.50
C THR A 106 2.00 -4.97 17.23
N ARG A 107 1.97 -4.93 18.56
CA ARG A 107 3.11 -4.47 19.35
C ARG A 107 4.39 -5.24 19.04
N GLU A 108 4.41 -6.55 19.24
CA GLU A 108 5.63 -7.32 19.03
C GLU A 108 5.27 -8.71 18.49
N PRO A 109 6.21 -9.38 17.83
CA PRO A 109 5.91 -10.69 17.26
C PRO A 109 5.78 -11.74 18.35
N PRO A 110 5.04 -12.83 18.09
CA PRO A 110 4.27 -13.07 16.87
C PRO A 110 2.98 -12.26 16.82
N PHE A 111 2.63 -11.77 15.64
CA PHE A 111 1.48 -10.89 15.48
C PHE A 111 0.21 -11.69 15.32
N TYR A 112 -0.90 -11.14 15.80
CA TYR A 112 -2.20 -11.81 15.77
C TYR A 112 -3.17 -10.94 14.99
N ILE A 113 -3.91 -11.57 14.08
CA ILE A 113 -5.10 -10.97 13.47
C ILE A 113 -6.29 -11.83 13.88
N ILE A 114 -7.26 -11.21 14.54
CA ILE A 114 -8.40 -11.91 15.12
C ILE A 114 -9.65 -11.54 14.34
N THR A 115 -10.31 -12.55 13.79
CA THR A 115 -11.54 -12.39 13.01
C THR A 115 -12.60 -13.35 13.52
N GLU A 116 -13.83 -13.13 13.08
CA GLU A 116 -14.92 -14.01 13.45
C GLU A 116 -14.72 -15.40 12.84
N PHE A 117 -15.33 -16.39 13.48
CA PHE A 117 -15.16 -17.79 13.09
C PHE A 117 -16.36 -18.27 12.28
N MET A 118 -16.09 -18.93 11.15
CA MET A 118 -17.10 -19.54 10.30
C MET A 118 -16.96 -21.05 10.40
N THR A 119 -17.98 -21.71 10.96
CA THR A 119 -17.84 -23.09 11.41
C THR A 119 -17.67 -24.09 10.28
N TYR A 120 -18.10 -23.77 9.07
CA TYR A 120 -18.11 -24.74 7.97
C TYR A 120 -16.96 -24.57 7.00
N GLY A 121 -16.01 -23.68 7.28
CA GLY A 121 -14.83 -23.57 6.45
C GLY A 121 -15.10 -22.90 5.12
N ASN A 122 -14.21 -23.18 4.16
CA ASN A 122 -14.24 -22.48 2.88
C ASN A 122 -15.35 -23.02 1.99
N LEU A 123 -15.84 -22.14 1.10
CA LEU A 123 -16.98 -22.47 0.26
C LEU A 123 -16.66 -23.53 -0.78
N LEU A 124 -15.39 -23.61 -1.20
CA LEU A 124 -15.02 -24.59 -2.21
C LEU A 124 -15.18 -26.02 -1.69
N ASP A 125 -14.55 -26.33 -0.55
CA ASP A 125 -14.70 -27.66 0.03
C ASP A 125 -16.15 -27.91 0.43
N TYR A 126 -16.84 -26.89 0.93
CA TYR A 126 -18.23 -27.03 1.34
C TYR A 126 -19.11 -27.52 0.18
N LEU A 127 -18.98 -26.88 -0.98
CA LEU A 127 -19.81 -27.25 -2.12
C LEU A 127 -19.49 -28.66 -2.60
N ARG A 128 -18.22 -29.06 -2.55
CA ARG A 128 -17.85 -30.37 -3.09
C ARG A 128 -18.33 -31.51 -2.22
N GLU A 129 -18.49 -31.28 -0.92
CA GLU A 129 -18.87 -32.33 0.02
C GLU A 129 -20.32 -32.26 0.48
N CYS A 130 -21.09 -31.30 -0.01
CA CYS A 130 -22.42 -31.05 0.53
C CYS A 130 -23.43 -32.07 0.03
N ASN A 131 -24.58 -32.07 0.69
CA ASN A 131 -25.77 -32.79 0.23
C ASN A 131 -26.46 -31.90 -0.80
N ARG A 132 -26.37 -32.27 -2.09
CA ARG A 132 -26.95 -31.44 -3.13
C ARG A 132 -28.46 -31.37 -3.08
N GLN A 133 -29.12 -32.26 -2.34
CA GLN A 133 -30.56 -32.11 -2.14
C GLN A 133 -30.85 -31.02 -1.13
N GLU A 134 -29.96 -30.81 -0.17
CA GLU A 134 -30.10 -29.70 0.76
C GLU A 134 -29.56 -28.41 0.16
N VAL A 135 -28.33 -28.44 -0.34
CA VAL A 135 -27.72 -27.28 -1.02
C VAL A 135 -28.16 -27.35 -2.47
N ASN A 136 -29.40 -26.92 -2.72
CA ASN A 136 -29.99 -27.03 -4.05
C ASN A 136 -29.85 -25.71 -4.80
N ALA A 137 -30.58 -25.59 -5.91
CA ALA A 137 -30.43 -24.41 -6.78
C ALA A 137 -30.83 -23.13 -6.07
N VAL A 138 -31.87 -23.18 -5.23
CA VAL A 138 -32.26 -22.00 -4.48
C VAL A 138 -31.15 -21.58 -3.53
N VAL A 139 -30.48 -22.54 -2.90
CA VAL A 139 -29.40 -22.23 -1.98
C VAL A 139 -28.20 -21.65 -2.73
N LEU A 140 -27.87 -22.21 -3.88
CA LEU A 140 -26.80 -21.64 -4.71
C LEU A 140 -27.13 -20.21 -5.10
N LEU A 141 -28.39 -19.96 -5.44
CA LEU A 141 -28.85 -18.60 -5.72
C LEU A 141 -28.69 -17.71 -4.49
N TYR A 142 -29.00 -18.26 -3.31
CA TYR A 142 -28.88 -17.50 -2.07
C TYR A 142 -27.42 -17.12 -1.80
N MET A 143 -26.49 -18.03 -2.09
CA MET A 143 -25.08 -17.77 -1.82
C MET A 143 -24.53 -16.71 -2.77
N ALA A 144 -24.97 -16.71 -4.02
CA ALA A 144 -24.53 -15.69 -4.96
C ALA A 144 -25.05 -14.31 -4.57
N THR A 145 -26.28 -14.26 -4.04
CA THR A 145 -26.84 -12.97 -3.61
C THR A 145 -26.04 -12.39 -2.45
N GLN A 146 -25.64 -13.24 -1.50
CA GLN A 146 -24.84 -12.76 -0.37
C GLN A 146 -23.49 -12.22 -0.83
N ILE A 147 -22.81 -12.96 -1.71
CA ILE A 147 -21.49 -12.55 -2.18
C ILE A 147 -21.58 -11.23 -2.94
N SER A 148 -22.56 -11.14 -3.86
CA SER A 148 -22.73 -9.92 -4.63
C SER A 148 -23.13 -8.74 -3.76
N SER A 149 -23.84 -9.00 -2.65
CA SER A 149 -24.15 -7.92 -1.72
C SER A 149 -22.90 -7.33 -1.11
N ALA A 150 -21.95 -8.19 -0.71
CA ALA A 150 -20.70 -7.71 -0.14
C ALA A 150 -19.86 -6.99 -1.18
N MET A 151 -19.86 -7.49 -2.42
CA MET A 151 -19.07 -6.85 -3.47
C MET A 151 -19.63 -5.48 -3.84
N GLU A 152 -20.97 -5.33 -3.81
CA GLU A 152 -21.56 -4.01 -4.02
C GLU A 152 -21.13 -3.04 -2.92
N TYR A 153 -21.00 -3.55 -1.69
CA TYR A 153 -20.54 -2.71 -0.58
C TYR A 153 -19.11 -2.25 -0.82
N LEU A 154 -18.22 -3.16 -1.21
CA LEU A 154 -16.85 -2.78 -1.51
C LEU A 154 -16.77 -1.87 -2.74
N GLU A 155 -17.70 -2.02 -3.68
CA GLU A 155 -17.71 -1.17 -4.86
C GLU A 155 -17.99 0.28 -4.48
N LYS A 156 -18.95 0.51 -3.60
CA LYS A 156 -19.31 1.87 -3.25
C LYS A 156 -18.33 2.53 -2.29
N LYS A 157 -17.54 1.76 -1.56
CA LYS A 157 -16.44 2.31 -0.78
C LYS A 157 -15.14 2.34 -1.58
N ASN A 158 -15.22 2.01 -2.87
CA ASN A 158 -14.07 2.00 -3.77
C ASN A 158 -12.91 1.17 -3.22
N PHE A 159 -13.22 -0.09 -2.92
CA PHE A 159 -12.23 -1.10 -2.60
C PHE A 159 -12.15 -2.11 -3.73
N ILE A 160 -11.06 -2.88 -3.73
CA ILE A 160 -10.91 -4.02 -4.64
C ILE A 160 -10.39 -5.20 -3.85
N HIS A 161 -10.83 -6.40 -4.24
CA HIS A 161 -10.50 -7.61 -3.49
C HIS A 161 -9.22 -8.27 -3.95
N ARG A 162 -9.04 -8.41 -5.26
CA ARG A 162 -7.87 -8.97 -5.94
C ARG A 162 -7.72 -10.49 -5.79
N ASP A 163 -8.64 -11.16 -5.10
CA ASP A 163 -8.57 -12.63 -5.05
C ASP A 163 -9.94 -13.23 -4.76
N LEU A 164 -10.92 -12.91 -5.59
CA LEU A 164 -12.28 -13.43 -5.41
C LEU A 164 -12.33 -14.85 -5.95
N ALA A 165 -12.62 -15.81 -5.07
CA ALA A 165 -12.66 -17.22 -5.44
C ALA A 165 -13.39 -17.99 -4.35
N ALA A 166 -13.87 -19.19 -4.72
CA ALA A 166 -14.62 -20.00 -3.77
C ALA A 166 -13.78 -20.38 -2.55
N ARG A 167 -12.48 -20.61 -2.74
CA ARG A 167 -11.61 -20.93 -1.61
C ARG A 167 -11.50 -19.79 -0.61
N ASN A 168 -11.81 -18.55 -1.04
CA ASN A 168 -11.72 -17.39 -0.17
C ASN A 168 -13.09 -16.91 0.30
N CYS A 169 -14.09 -17.78 0.30
CA CYS A 169 -15.37 -17.51 0.90
C CYS A 169 -15.58 -18.50 2.04
N LEU A 170 -16.11 -18.01 3.16
CA LEU A 170 -16.29 -18.82 4.36
C LEU A 170 -17.78 -19.03 4.62
N VAL A 171 -18.11 -20.22 5.10
CA VAL A 171 -19.50 -20.65 5.25
C VAL A 171 -19.83 -20.80 6.72
N GLY A 172 -20.93 -20.17 7.13
CA GLY A 172 -21.46 -20.33 8.46
C GLY A 172 -22.68 -21.20 8.49
N GLU A 173 -23.46 -21.09 9.57
CA GLU A 173 -24.65 -21.92 9.70
C GLU A 173 -25.74 -21.43 8.75
N ASN A 174 -26.55 -22.38 8.28
CA ASN A 174 -27.70 -22.09 7.41
C ASN A 174 -27.28 -21.39 6.12
N HIS A 175 -26.20 -21.90 5.50
CA HIS A 175 -25.74 -21.44 4.19
C HIS A 175 -25.37 -19.97 4.19
N LEU A 176 -24.94 -19.44 5.34
CA LEU A 176 -24.43 -18.08 5.40
C LEU A 176 -23.04 -18.03 4.78
N VAL A 177 -22.82 -17.09 3.86
CA VAL A 177 -21.56 -16.95 3.17
C VAL A 177 -20.98 -15.59 3.49
N LYS A 178 -19.68 -15.56 3.80
CA LYS A 178 -18.95 -14.33 4.04
C LYS A 178 -17.68 -14.34 3.18
N VAL A 179 -17.39 -13.21 2.56
CA VAL A 179 -16.20 -13.09 1.71
C VAL A 179 -14.99 -12.80 2.60
N ALA A 180 -13.92 -13.55 2.41
CA ALA A 180 -12.69 -13.31 3.16
C ALA A 180 -12.03 -12.05 2.62
N ASP A 181 -12.01 -11.00 3.45
CA ASP A 181 -11.52 -9.70 3.00
C ASP A 181 -10.18 -9.37 3.65
N PHE A 182 -9.16 -10.16 3.34
CA PHE A 182 -7.84 -9.98 3.92
C PHE A 182 -6.83 -9.37 2.96
N GLY A 183 -7.07 -9.44 1.65
CA GLY A 183 -6.18 -8.83 0.70
C GLY A 183 -6.77 -7.60 0.03
N LEU A 184 -7.66 -6.90 0.74
CA LEU A 184 -8.31 -5.73 0.18
C LEU A 184 -7.30 -4.61 -0.03
N SER A 185 -7.50 -3.85 -1.10
CA SER A 185 -6.73 -2.64 -1.39
C SER A 185 -7.70 -1.46 -1.50
N ARG A 186 -7.29 -0.32 -0.96
CA ARG A 186 -8.09 0.89 -1.08
C ARG A 186 -7.64 1.65 -2.32
N LEU A 187 -8.60 2.11 -3.11
CA LEU A 187 -8.29 2.93 -4.27
C LEU A 187 -8.16 4.37 -3.76
N MET A 188 -6.93 4.80 -3.56
CA MET A 188 -6.68 6.14 -3.02
C MET A 188 -6.94 7.20 -4.08
N THR A 189 -6.44 6.98 -5.29
CA THR A 189 -6.60 7.92 -6.39
C THR A 189 -6.91 7.13 -7.65
N GLY A 190 -8.06 7.41 -8.26
CA GLY A 190 -8.37 6.83 -9.55
C GLY A 190 -9.02 5.47 -9.50
N ASP A 191 -9.04 4.84 -10.67
CA ASP A 191 -9.78 3.60 -10.89
C ASP A 191 -8.94 2.34 -10.74
N THR A 192 -7.64 2.43 -11.00
CA THR A 192 -6.82 1.25 -11.27
C THR A 192 -5.73 1.10 -10.23
N TYR A 193 -5.60 -0.12 -9.71
CA TYR A 193 -4.47 -0.52 -8.88
C TYR A 193 -3.51 -1.33 -9.74
N THR A 194 -2.21 -1.11 -9.55
CA THR A 194 -1.18 -1.80 -10.30
C THR A 194 -0.35 -2.63 -9.33
N ALA A 195 -0.30 -3.94 -9.55
CA ALA A 195 0.53 -4.79 -8.73
C ALA A 195 1.99 -4.67 -9.15
N HIS A 196 2.88 -4.93 -8.19
CA HIS A 196 4.31 -4.86 -8.47
C HIS A 196 4.68 -5.89 -9.53
N ALA A 197 5.54 -5.48 -10.46
CA ALA A 197 5.94 -6.38 -11.54
C ALA A 197 6.58 -7.64 -10.98
N GLY A 198 6.25 -8.77 -11.58
CA GLY A 198 6.68 -10.07 -11.09
C GLY A 198 5.68 -10.79 -10.21
N ALA A 199 4.60 -10.13 -9.80
CA ALA A 199 3.61 -10.78 -8.95
C ALA A 199 2.87 -11.87 -9.70
N LYS A 200 2.63 -12.99 -9.01
CA LYS A 200 1.93 -14.14 -9.58
C LYS A 200 0.47 -14.12 -9.15
N PHE A 201 -0.43 -14.25 -10.12
CA PHE A 201 -1.87 -14.31 -9.86
C PHE A 201 -2.43 -15.70 -10.15
N PRO A 202 -3.57 -16.05 -9.54
CA PRO A 202 -4.29 -17.25 -9.98
C PRO A 202 -4.86 -17.06 -11.38
N ILE A 203 -4.24 -17.73 -12.35
CA ILE A 203 -4.48 -17.43 -13.77
C ILE A 203 -5.95 -17.59 -14.13
N LYS A 204 -6.57 -18.71 -13.71
CA LYS A 204 -7.92 -19.00 -14.18
C LYS A 204 -8.98 -18.13 -13.52
N TRP A 205 -8.62 -17.31 -12.53
CA TRP A 205 -9.55 -16.38 -11.89
C TRP A 205 -9.28 -14.92 -12.25
N THR A 206 -8.28 -14.66 -13.08
CA THR A 206 -7.74 -13.32 -13.27
C THR A 206 -8.24 -12.71 -14.58
N ALA A 207 -8.71 -11.47 -14.49
CA ALA A 207 -9.16 -10.75 -15.67
C ALA A 207 -8.01 -10.54 -16.66
N PRO A 208 -8.30 -10.50 -17.96
CA PRO A 208 -7.21 -10.32 -18.95
C PRO A 208 -6.46 -9.02 -18.79
N GLU A 209 -7.13 -7.95 -18.35
CA GLU A 209 -6.42 -6.70 -18.09
C GLU A 209 -5.36 -6.87 -17.01
N SER A 210 -5.60 -7.78 -16.06
CA SER A 210 -4.64 -8.02 -14.98
C SER A 210 -3.54 -9.00 -15.38
N LEU A 211 -3.83 -9.95 -16.27
CA LEU A 211 -2.79 -10.86 -16.72
C LEU A 211 -1.78 -10.16 -17.61
N ALA A 212 -2.23 -9.24 -18.47
CA ALA A 212 -1.33 -8.63 -19.43
C ALA A 212 -0.58 -7.43 -18.83
N TYR A 213 -1.26 -6.63 -18.01
CA TYR A 213 -0.71 -5.36 -17.55
C TYR A 213 -0.65 -5.22 -16.03
N ASN A 214 -1.00 -6.27 -15.28
CA ASN A 214 -0.97 -6.21 -13.82
C ASN A 214 -1.80 -5.06 -13.27
N LYS A 215 -2.90 -4.74 -13.94
CA LYS A 215 -3.79 -3.67 -13.54
C LYS A 215 -5.10 -4.25 -13.03
N PHE A 216 -5.51 -3.83 -11.84
CA PHE A 216 -6.72 -4.35 -11.19
C PHE A 216 -7.69 -3.21 -10.94
N SER A 217 -8.97 -3.52 -11.08
CA SER A 217 -10.04 -2.55 -10.85
C SER A 217 -11.24 -3.32 -10.30
N ILE A 218 -12.30 -2.58 -9.97
CA ILE A 218 -13.52 -3.25 -9.55
C ILE A 218 -14.10 -4.07 -10.70
N LYS A 219 -13.77 -3.70 -11.94
CA LYS A 219 -14.20 -4.50 -13.09
C LYS A 219 -13.42 -5.82 -13.15
N SER A 220 -12.17 -5.83 -12.68
CA SER A 220 -11.44 -7.09 -12.59
C SER A 220 -12.01 -7.99 -11.50
N ASP A 221 -12.56 -7.40 -10.44
CA ASP A 221 -13.29 -8.19 -9.46
C ASP A 221 -14.56 -8.77 -10.05
N VAL A 222 -15.22 -8.01 -10.94
CA VAL A 222 -16.41 -8.51 -11.61
C VAL A 222 -16.08 -9.74 -12.45
N TRP A 223 -14.91 -9.72 -13.10
CA TRP A 223 -14.47 -10.89 -13.85
C TRP A 223 -14.27 -12.09 -12.93
N ALA A 224 -13.54 -11.89 -11.83
CA ALA A 224 -13.32 -12.99 -10.88
C ALA A 224 -14.64 -13.49 -10.30
N PHE A 225 -15.61 -12.58 -10.13
CA PHE A 225 -16.92 -12.99 -9.63
C PHE A 225 -17.62 -13.92 -10.61
N GLY A 226 -17.42 -13.71 -11.91
CA GLY A 226 -17.98 -14.62 -12.89
C GLY A 226 -17.45 -16.04 -12.75
N VAL A 227 -16.13 -16.17 -12.54
CA VAL A 227 -15.54 -17.48 -12.30
C VAL A 227 -16.07 -18.06 -10.99
N LEU A 228 -16.28 -17.21 -9.98
CA LEU A 228 -16.86 -17.67 -8.73
C LEU A 228 -18.27 -18.20 -8.93
N LEU A 229 -19.06 -17.53 -9.77
CA LEU A 229 -20.38 -18.05 -10.13
C LEU A 229 -20.26 -19.43 -10.77
N TRP A 230 -19.28 -19.60 -11.66
CA TRP A 230 -19.09 -20.89 -12.30
C TRP A 230 -18.67 -21.95 -11.30
N GLU A 231 -17.85 -21.58 -10.33
CA GLU A 231 -17.48 -22.51 -9.26
C GLU A 231 -18.71 -22.95 -8.48
N ILE A 232 -19.56 -21.98 -8.10
CA ILE A 232 -20.75 -22.30 -7.34
C ILE A 232 -21.70 -23.19 -8.15
N ALA A 233 -21.90 -22.84 -9.42
CA ALA A 233 -22.83 -23.57 -10.26
C ALA A 233 -22.38 -24.99 -10.55
N THR A 234 -21.08 -25.28 -10.45
CA THR A 234 -20.55 -26.61 -10.71
C THR A 234 -20.28 -27.38 -9.42
N TYR A 235 -20.68 -26.84 -8.27
CA TYR A 235 -20.40 -27.45 -6.96
C TYR A 235 -18.90 -27.67 -6.77
N GLY A 236 -18.10 -26.70 -7.23
CA GLY A 236 -16.68 -26.70 -6.94
C GLY A 236 -15.79 -27.35 -7.97
N MET A 237 -16.18 -27.35 -9.25
CA MET A 237 -15.27 -27.84 -10.28
C MET A 237 -14.17 -26.82 -10.53
N SER A 238 -13.00 -27.33 -10.92
CA SER A 238 -11.90 -26.45 -11.26
C SER A 238 -12.20 -25.72 -12.57
N PRO A 239 -11.97 -24.41 -12.66
CA PRO A 239 -12.26 -23.68 -13.89
C PRO A 239 -11.35 -24.11 -15.04
N TYR A 240 -11.85 -23.91 -16.26
CA TYR A 240 -11.19 -24.31 -17.50
C TYR A 240 -10.57 -25.70 -17.35
N PRO A 241 -11.38 -26.74 -17.13
CA PRO A 241 -10.83 -28.05 -16.81
C PRO A 241 -9.96 -28.59 -17.94
N GLY A 242 -8.72 -28.96 -17.60
CA GLY A 242 -7.82 -29.56 -18.55
C GLY A 242 -7.07 -28.58 -19.43
N ILE A 243 -7.31 -27.28 -19.29
CA ILE A 243 -6.69 -26.29 -20.16
C ILE A 243 -5.34 -25.90 -19.59
N ASP A 244 -4.31 -26.00 -20.43
CA ASP A 244 -2.96 -25.60 -20.05
C ASP A 244 -2.96 -24.14 -19.61
N LEU A 245 -2.36 -23.87 -18.45
CA LEU A 245 -2.39 -22.53 -17.88
C LEU A 245 -1.74 -21.52 -18.81
N SER A 246 -0.68 -21.91 -19.51
CA SER A 246 0.02 -20.99 -20.39
C SER A 246 -0.80 -20.60 -21.62
N GLN A 247 -1.85 -21.35 -21.94
CA GLN A 247 -2.68 -21.09 -23.11
C GLN A 247 -3.97 -20.34 -22.79
N VAL A 248 -4.25 -20.08 -21.50
CA VAL A 248 -5.55 -19.51 -21.11
C VAL A 248 -5.72 -18.12 -21.69
N TYR A 249 -4.69 -17.28 -21.55
CA TYR A 249 -4.82 -15.89 -22.01
C TYR A 249 -5.08 -15.82 -23.51
N GLU A 250 -4.35 -16.61 -24.30
CA GLU A 250 -4.54 -16.58 -25.74
C GLU A 250 -5.94 -17.05 -26.13
N LEU A 251 -6.46 -18.05 -25.42
CA LEU A 251 -7.83 -18.50 -25.66
C LEU A 251 -8.83 -17.38 -25.34
N LEU A 252 -8.59 -16.65 -24.24
CA LEU A 252 -9.48 -15.54 -23.89
C LEU A 252 -9.44 -14.44 -24.96
N GLU A 253 -8.26 -14.20 -25.54
CA GLU A 253 -8.15 -13.22 -26.61
C GLU A 253 -9.02 -13.60 -27.80
N LYS A 254 -9.09 -14.90 -28.09
CA LYS A 254 -9.85 -15.40 -29.23
C LYS A 254 -11.31 -15.67 -28.87
N ASP A 255 -11.79 -15.10 -27.75
CA ASP A 255 -13.19 -15.10 -27.34
C ASP A 255 -13.65 -16.45 -26.79
N TYR A 256 -12.74 -17.34 -26.41
CA TYR A 256 -13.15 -18.55 -25.72
C TYR A 256 -13.58 -18.23 -24.30
N ARG A 257 -14.73 -18.78 -23.90
CA ARG A 257 -15.22 -18.68 -22.53
C ARG A 257 -15.67 -20.06 -22.08
N MET A 258 -15.86 -20.20 -20.77
CA MET A 258 -16.29 -21.48 -20.22
C MET A 258 -17.73 -21.76 -20.62
N GLU A 259 -18.02 -23.05 -20.84
CA GLU A 259 -19.36 -23.45 -21.26
C GLU A 259 -20.33 -23.37 -20.08
N ARG A 260 -21.61 -23.30 -20.42
CA ARG A 260 -22.64 -23.24 -19.38
C ARG A 260 -22.65 -24.56 -18.62
N PRO A 261 -22.55 -24.53 -17.30
CA PRO A 261 -22.60 -25.79 -16.53
C PRO A 261 -23.96 -26.46 -16.63
N GLU A 262 -23.95 -27.78 -16.48
CA GLU A 262 -25.20 -28.53 -16.50
C GLU A 262 -26.11 -28.08 -15.37
N GLY A 263 -27.37 -27.82 -15.70
CA GLY A 263 -28.34 -27.38 -14.71
C GLY A 263 -28.31 -25.91 -14.38
N CYS A 264 -27.41 -25.15 -14.98
CA CYS A 264 -27.32 -23.73 -14.70
C CYS A 264 -28.40 -22.98 -15.48
N PRO A 265 -29.21 -22.16 -14.80
CA PRO A 265 -30.23 -21.37 -15.52
C PRO A 265 -29.57 -20.48 -16.56
N GLU A 266 -30.29 -20.24 -17.65
CA GLU A 266 -29.72 -19.47 -18.75
C GLU A 266 -29.47 -18.02 -18.34
N LYS A 267 -30.35 -17.44 -17.53
CA LYS A 267 -30.16 -16.06 -17.15
C LYS A 267 -29.05 -15.87 -16.12
N VAL A 268 -28.57 -16.95 -15.52
CA VAL A 268 -27.36 -16.86 -14.70
C VAL A 268 -26.13 -16.97 -15.59
N TYR A 269 -26.19 -17.83 -16.62
CA TYR A 269 -25.06 -17.93 -17.54
C TYR A 269 -24.90 -16.65 -18.35
N GLU A 270 -26.00 -15.96 -18.63
CA GLU A 270 -25.93 -14.66 -19.29
C GLU A 270 -25.19 -13.65 -18.43
N LEU A 271 -25.45 -13.67 -17.12
CA LEU A 271 -24.71 -12.83 -16.19
C LEU A 271 -23.23 -13.22 -16.18
N MET A 272 -22.96 -14.53 -16.14
CA MET A 272 -21.60 -15.03 -16.23
C MET A 272 -20.87 -14.48 -17.46
N ARG A 273 -21.50 -14.62 -18.63
CA ARG A 273 -20.86 -14.13 -19.85
C ARG A 273 -20.69 -12.61 -19.83
N ALA A 274 -21.63 -11.91 -19.18
CA ALA A 274 -21.50 -10.46 -19.06
C ALA A 274 -20.29 -10.08 -18.21
N CYS A 275 -20.00 -10.88 -17.17
CA CYS A 275 -18.81 -10.63 -16.36
C CYS A 275 -17.53 -10.86 -17.14
N TRP A 276 -17.56 -11.67 -18.20
CA TRP A 276 -16.38 -12.06 -18.92
C TRP A 276 -16.20 -11.29 -20.24
N GLN A 277 -16.83 -10.12 -20.36
CA GLN A 277 -16.58 -9.25 -21.49
C GLN A 277 -15.11 -8.83 -21.52
N TRP A 278 -14.58 -8.69 -22.75
CA TRP A 278 -13.18 -8.30 -22.88
C TRP A 278 -12.93 -6.92 -22.31
N ASN A 279 -13.75 -5.94 -22.68
CA ASN A 279 -13.58 -4.57 -22.21
C ASN A 279 -14.11 -4.45 -20.78
N PRO A 280 -13.31 -3.99 -19.82
CA PRO A 280 -13.81 -3.83 -18.45
C PRO A 280 -15.05 -2.97 -18.35
N SER A 281 -15.14 -1.90 -19.14
CA SER A 281 -16.30 -1.02 -19.11
C SER A 281 -17.56 -1.66 -19.68
N ASP A 282 -17.44 -2.79 -20.37
CA ASP A 282 -18.60 -3.51 -20.86
C ASP A 282 -19.15 -4.53 -19.87
N ARG A 283 -18.46 -4.74 -18.73
CA ARG A 283 -18.91 -5.61 -17.66
C ARG A 283 -19.83 -4.85 -16.72
N PRO A 284 -20.83 -5.52 -16.14
CA PRO A 284 -21.75 -4.83 -15.24
C PRO A 284 -21.09 -4.46 -13.92
N SER A 285 -21.70 -3.50 -13.24
CA SER A 285 -21.29 -3.16 -11.89
C SER A 285 -21.84 -4.19 -10.91
N PHE A 286 -21.28 -4.20 -9.70
CA PHE A 286 -21.81 -5.08 -8.67
C PHE A 286 -23.18 -4.63 -8.18
N ALA A 287 -23.51 -3.36 -8.33
CA ALA A 287 -24.85 -2.89 -8.01
C ALA A 287 -25.88 -3.53 -8.94
N GLU A 288 -25.58 -3.59 -10.23
CA GLU A 288 -26.48 -4.26 -11.17
C GLU A 288 -26.56 -5.75 -10.90
N ILE A 289 -25.43 -6.36 -10.52
CA ILE A 289 -25.40 -7.81 -10.31
C ILE A 289 -26.20 -8.18 -9.06
N HIS A 290 -26.05 -7.42 -7.97
CA HIS A 290 -26.82 -7.69 -6.76
C HIS A 290 -28.32 -7.56 -7.03
N GLN A 291 -28.72 -6.52 -7.77
CA GLN A 291 -30.13 -6.35 -8.10
C GLN A 291 -30.67 -7.55 -8.88
N ALA A 292 -29.90 -8.03 -9.85
CA ALA A 292 -30.34 -9.18 -10.65
C ALA A 292 -30.47 -10.43 -9.79
N PHE A 293 -29.55 -10.63 -8.86
CA PHE A 293 -29.60 -11.83 -8.03
C PHE A 293 -30.68 -11.72 -6.95
N GLU A 294 -30.91 -10.52 -6.42
CA GLU A 294 -32.03 -10.35 -5.50
C GLU A 294 -33.35 -10.67 -6.19
N THR A 295 -33.52 -10.21 -7.44
CA THR A 295 -34.76 -10.49 -8.17
C THR A 295 -34.94 -11.97 -8.40
N MET A 296 -33.88 -12.65 -8.87
CA MET A 296 -33.97 -14.08 -9.13
C MET A 296 -34.19 -14.87 -7.84
N PHE A 297 -33.59 -14.43 -6.74
CA PHE A 297 -33.72 -15.18 -5.49
C PHE A 297 -35.13 -15.07 -4.91
N GLN A 298 -35.74 -13.90 -4.98
CA GLN A 298 -37.10 -13.78 -4.49
C GLN A 298 -38.07 -14.56 -5.37
N GLU A 299 -37.76 -14.62 -6.68
CA GLU A 299 -38.61 -15.29 -7.66
C GLU A 299 -38.64 -16.80 -7.50
N SER A 300 -37.83 -17.36 -6.59
CA SER A 300 -37.86 -18.79 -6.30
C SER A 300 -38.82 -19.05 -5.15
N SER A 301 -40.08 -19.31 -5.51
CA SER A 301 -41.16 -19.51 -4.54
C SER A 301 -41.33 -18.31 -3.62
N TYR B 32 26.83 -9.01 14.49
CA TYR B 32 26.11 -10.20 14.06
C TYR B 32 24.74 -10.29 14.70
N ASP B 33 23.70 -9.77 14.05
CA ASP B 33 22.38 -9.95 14.62
C ASP B 33 21.39 -10.00 13.45
N LYS B 34 20.12 -9.72 13.71
CA LYS B 34 19.01 -10.00 12.80
C LYS B 34 19.20 -9.47 11.39
N TRP B 35 19.91 -8.36 11.21
CA TRP B 35 19.97 -7.69 9.92
C TRP B 35 21.04 -8.21 8.97
N GLU B 36 21.93 -9.08 9.42
CA GLU B 36 23.07 -9.47 8.60
C GLU B 36 22.72 -10.59 7.61
N MET B 37 23.33 -10.52 6.42
CA MET B 37 23.13 -11.49 5.36
C MET B 37 24.39 -11.58 4.53
N GLU B 38 24.44 -12.61 3.69
CA GLU B 38 25.59 -12.87 2.83
C GLU B 38 25.37 -12.30 1.44
N ARG B 39 26.42 -11.71 0.92
CA ARG B 39 26.43 -11.05 -0.38
C ARG B 39 26.05 -12.01 -1.51
N THR B 40 26.37 -13.30 -1.35
CA THR B 40 26.03 -14.26 -2.38
C THR B 40 24.51 -14.45 -2.50
N ASP B 41 23.75 -13.82 -1.61
CA ASP B 41 22.30 -13.74 -1.70
C ASP B 41 21.83 -12.65 -2.66
N ILE B 42 22.72 -11.74 -3.03
CA ILE B 42 22.42 -10.60 -3.88
C ILE B 42 23.25 -10.71 -5.15
N THR B 43 22.64 -10.44 -6.31
CA THR B 43 23.39 -10.38 -7.56
C THR B 43 23.47 -8.93 -7.98
N MET B 44 24.69 -8.44 -8.13
CA MET B 44 24.90 -7.02 -8.40
C MET B 44 24.64 -6.76 -9.88
N LYS B 45 23.89 -5.71 -10.19
CA LYS B 45 23.32 -5.58 -11.54
C LYS B 45 23.96 -4.42 -12.32
N HIS B 46 23.41 -3.20 -12.18
CA HIS B 46 23.98 -2.00 -12.76
C HIS B 46 23.75 -0.81 -11.83
N LYS B 47 24.71 0.11 -11.83
CA LYS B 47 24.68 1.29 -10.97
C LYS B 47 23.57 2.27 -11.33
N LEU B 48 23.12 3.01 -10.32
CA LEU B 48 22.17 4.10 -10.47
C LEU B 48 22.88 5.43 -10.34
N TYR B 53 23.45 10.10 -7.08
CA TYR B 53 23.28 9.45 -5.79
C TYR B 53 24.59 8.85 -5.30
N GLY B 54 25.47 8.52 -6.22
CA GLY B 54 26.77 7.99 -5.86
C GLY B 54 26.94 6.52 -6.18
N GLU B 55 27.16 5.71 -5.15
CA GLU B 55 27.48 4.29 -5.31
C GLU B 55 26.27 3.45 -4.90
N VAL B 56 25.20 3.57 -5.69
CA VAL B 56 23.97 2.81 -5.48
C VAL B 56 23.70 1.96 -6.71
N TYR B 57 23.44 0.67 -6.48
CA TYR B 57 23.19 -0.28 -7.55
C TYR B 57 21.77 -0.80 -7.45
N GLU B 58 21.17 -1.09 -8.59
CA GLU B 58 20.02 -1.98 -8.63
C GLU B 58 20.53 -3.41 -8.51
N GLY B 59 19.85 -4.23 -7.71
CA GLY B 59 20.27 -5.59 -7.50
C GLY B 59 19.07 -6.51 -7.35
N VAL B 60 19.35 -7.80 -7.32
CA VAL B 60 18.31 -8.81 -7.16
C VAL B 60 18.67 -9.70 -5.97
N TRP B 61 17.78 -9.79 -4.99
CA TRP B 61 17.90 -10.73 -3.88
C TRP B 61 17.45 -12.09 -4.40
N LYS B 62 18.42 -12.95 -4.75
CA LYS B 62 18.12 -14.19 -5.46
C LYS B 62 17.20 -15.12 -4.68
N LYS B 63 17.15 -14.99 -3.35
CA LYS B 63 16.29 -15.87 -2.58
C LYS B 63 14.82 -15.57 -2.76
N TYR B 64 14.47 -14.40 -3.31
CA TYR B 64 13.09 -14.08 -3.61
C TYR B 64 12.90 -13.48 -5.00
N SER B 65 13.95 -13.46 -5.83
CA SER B 65 13.91 -12.80 -7.14
C SER B 65 13.32 -11.40 -7.03
N LEU B 66 13.69 -10.72 -5.95
CA LEU B 66 13.14 -9.41 -5.59
C LEU B 66 14.17 -8.34 -5.88
N THR B 67 13.76 -7.33 -6.67
CA THR B 67 14.64 -6.22 -6.95
C THR B 67 14.85 -5.38 -5.70
N VAL B 68 16.11 -5.05 -5.41
CA VAL B 68 16.47 -4.27 -4.23
C VAL B 68 17.50 -3.23 -4.65
N ALA B 69 17.62 -2.20 -3.82
CA ALA B 69 18.66 -1.19 -4.00
C ALA B 69 19.80 -1.46 -3.04
N VAL B 70 21.03 -1.43 -3.54
CA VAL B 70 22.19 -1.72 -2.72
C VAL B 70 23.18 -0.56 -2.79
N LYS B 71 23.49 -0.38 -1.41
CA LYS B 71 24.31 0.81 -1.41
C LYS B 71 25.66 0.50 -0.78
N THR B 72 26.51 1.00 -1.83
CA THR B 72 27.77 0.33 -1.50
C THR B 72 28.85 1.34 -1.12
N LEU B 73 29.83 0.88 -0.34
CA LEU B 73 30.90 1.71 0.18
C LEU B 73 32.24 1.21 -0.30
N LYS B 74 33.02 2.07 -0.94
CA LYS B 74 34.34 1.69 -1.40
C LYS B 74 35.20 1.23 -0.22
N GLU B 75 36.28 0.52 -0.54
CA GLU B 75 37.10 -0.09 0.50
C GLU B 75 38.15 0.87 1.05
N ASP B 76 38.51 1.91 0.30
CA ASP B 76 39.47 2.87 0.80
C ASP B 76 38.78 4.19 1.11
N THR B 77 37.88 4.20 2.10
CA THR B 77 37.21 5.41 2.54
C THR B 77 37.46 5.68 4.00
N MET B 78 37.37 6.96 4.38
CA MET B 78 37.44 7.35 5.78
C MET B 78 36.08 7.34 6.47
N GLU B 79 35.01 7.53 5.72
CA GLU B 79 33.64 7.49 6.24
C GLU B 79 33.15 6.08 6.54
N VAL B 80 33.97 5.22 7.13
CA VAL B 80 33.52 3.88 7.48
C VAL B 80 32.49 3.93 8.60
N GLU B 81 32.83 4.63 9.69
CA GLU B 81 31.94 4.64 10.86
C GLU B 81 30.64 5.39 10.57
N GLU B 82 30.70 6.46 9.77
CA GLU B 82 29.47 7.17 9.44
C GLU B 82 28.56 6.31 8.57
N PHE B 83 29.15 5.45 7.74
CA PHE B 83 28.35 4.51 6.95
C PHE B 83 27.58 3.55 7.84
N LEU B 84 28.21 3.05 8.90
CA LEU B 84 27.57 2.06 9.75
C LEU B 84 26.54 2.66 10.71
N LYS B 85 26.79 3.88 11.19
CA LYS B 85 25.83 4.52 12.08
C LYS B 85 24.59 5.01 11.35
N GLU B 86 24.68 5.23 10.03
CA GLU B 86 23.47 5.50 9.27
C GLU B 86 22.66 4.23 9.05
N ALA B 87 23.32 3.08 8.93
CA ALA B 87 22.61 1.82 8.86
C ALA B 87 22.00 1.47 10.22
N ALA B 88 22.67 1.82 11.31
CA ALA B 88 22.12 1.59 12.64
C ALA B 88 20.80 2.33 12.83
N VAL B 89 20.72 3.56 12.31
CA VAL B 89 19.49 4.32 12.44
C VAL B 89 18.37 3.68 11.62
N MET B 90 18.70 3.14 10.45
CA MET B 90 17.70 2.52 9.60
C MET B 90 17.08 1.28 10.23
N LYS B 91 17.74 0.70 11.24
CA LYS B 91 17.16 -0.45 11.93
C LYS B 91 16.01 -0.06 12.85
N GLU B 92 15.97 1.20 13.30
CA GLU B 92 14.93 1.69 14.19
C GLU B 92 13.75 2.33 13.45
N ILE B 93 13.83 2.46 12.13
CA ILE B 93 12.83 3.19 11.35
C ILE B 93 11.88 2.17 10.73
N LYS B 94 10.58 2.38 10.92
CA LYS B 94 9.56 1.56 10.28
C LYS B 94 8.32 2.42 10.07
N HIS B 95 8.05 2.77 8.81
CA HIS B 95 6.89 3.60 8.47
C HIS B 95 6.55 3.35 7.02
N PRO B 96 5.26 3.33 6.65
CA PRO B 96 4.91 3.03 5.25
C PRO B 96 5.53 3.98 4.25
N ASN B 97 5.79 5.23 4.63
CA ASN B 97 6.29 6.25 3.70
C ASN B 97 7.76 6.58 3.93
N LEU B 98 8.49 5.68 4.57
CA LEU B 98 9.94 5.77 4.68
C LEU B 98 10.56 4.53 4.05
N VAL B 99 11.69 4.72 3.38
CA VAL B 99 12.35 3.60 2.70
C VAL B 99 12.77 2.55 3.71
N GLN B 100 12.34 1.31 3.46
CA GLN B 100 12.55 0.22 4.41
C GLN B 100 13.91 -0.43 4.21
N LEU B 101 14.64 -0.62 5.31
CA LEU B 101 15.87 -1.38 5.30
C LEU B 101 15.56 -2.87 5.26
N LEU B 102 16.30 -3.62 4.44
CA LEU B 102 16.11 -5.05 4.29
C LEU B 102 17.24 -5.89 4.85
N GLY B 103 18.48 -5.41 4.79
CA GLY B 103 19.61 -6.17 5.30
C GLY B 103 20.88 -5.38 5.15
N VAL B 104 21.95 -5.91 5.76
CA VAL B 104 23.24 -5.24 5.78
C VAL B 104 24.34 -6.26 5.51
N CYS B 105 25.50 -5.75 5.06
CA CYS B 105 26.72 -6.55 4.95
C CYS B 105 27.81 -5.76 5.67
N THR B 106 27.80 -5.84 6.99
CA THR B 106 28.69 -5.06 7.85
C THR B 106 30.00 -5.79 8.15
N ARG B 107 30.06 -7.09 7.86
CA ARG B 107 31.18 -7.93 8.30
C ARG B 107 32.52 -7.37 7.86
N GLU B 108 32.74 -7.29 6.55
CA GLU B 108 34.02 -6.90 5.99
C GLU B 108 33.75 -6.18 4.67
N PRO B 109 34.72 -5.42 4.15
CA PRO B 109 34.48 -4.67 2.94
C PRO B 109 34.35 -5.59 1.74
N PRO B 110 33.62 -5.16 0.69
CA PRO B 110 32.85 -3.92 0.67
C PRO B 110 31.51 -4.05 1.39
N PHE B 111 31.10 -3.01 2.10
CA PHE B 111 29.89 -3.06 2.92
C PHE B 111 28.66 -2.72 2.10
N TYR B 112 27.55 -3.37 2.44
CA TYR B 112 26.29 -3.24 1.72
C TYR B 112 25.18 -2.81 2.68
N ILE B 113 24.38 -1.84 2.24
CA ILE B 113 23.10 -1.53 2.88
C ILE B 113 22.01 -1.85 1.86
N ILE B 114 21.08 -2.72 2.25
CA ILE B 114 20.06 -3.24 1.34
C ILE B 114 18.73 -2.63 1.73
N THR B 115 18.10 -1.93 0.79
CA THR B 115 16.81 -1.31 1.00
C THR B 115 15.87 -1.72 -0.12
N GLU B 116 14.59 -1.48 0.10
CA GLU B 116 13.60 -1.80 -0.93
C GLU B 116 13.79 -0.91 -2.15
N PHE B 117 13.34 -1.40 -3.29
CA PHE B 117 13.49 -0.71 -4.57
C PHE B 117 12.19 -0.01 -4.91
N MET B 118 12.30 1.26 -5.31
CA MET B 118 11.16 2.06 -5.74
C MET B 118 11.26 2.21 -7.25
N THR B 119 10.30 1.64 -7.97
CA THR B 119 10.47 1.41 -9.40
C THR B 119 10.50 2.68 -10.22
N TYR B 120 9.95 3.78 -9.72
CA TYR B 120 9.85 5.01 -10.52
C TYR B 120 10.89 6.06 -10.15
N GLY B 121 11.83 5.73 -9.28
CA GLY B 121 12.90 6.67 -9.02
C GLY B 121 12.48 7.87 -8.19
N ASN B 122 13.22 8.96 -8.35
CA ASN B 122 13.04 10.13 -7.51
C ASN B 122 11.79 10.92 -7.93
N LEU B 123 11.22 11.63 -6.95
CA LEU B 123 9.95 12.32 -7.18
C LEU B 123 10.12 13.53 -8.10
N LEU B 124 11.33 14.12 -8.13
CA LEU B 124 11.53 15.30 -8.99
C LEU B 124 11.43 14.93 -10.46
N ASP B 125 12.19 13.93 -10.89
CA ASP B 125 12.12 13.48 -12.28
C ASP B 125 10.74 12.91 -12.60
N TYR B 126 10.13 12.22 -11.64
CA TYR B 126 8.81 11.63 -11.86
C TYR B 126 7.79 12.70 -12.24
N LEU B 127 7.75 13.80 -11.48
CA LEU B 127 6.78 14.86 -11.75
C LEU B 127 7.04 15.52 -13.10
N ARG B 128 8.31 15.71 -13.47
CA ARG B 128 8.60 16.46 -14.69
C ARG B 128 8.23 15.67 -15.94
N GLU B 129 8.26 14.34 -15.87
CA GLU B 129 8.01 13.49 -17.03
C GLU B 129 6.65 12.81 -17.00
N CYS B 130 5.83 13.06 -15.97
CA CYS B 130 4.61 12.29 -15.79
C CYS B 130 3.53 12.75 -16.76
N ASN B 131 2.48 11.94 -16.84
CA ASN B 131 1.25 12.32 -17.53
C ASN B 131 0.42 13.14 -16.57
N ARG B 132 0.34 14.46 -16.81
CA ARG B 132 -0.38 15.33 -15.89
C ARG B 132 -1.88 15.09 -15.88
N GLN B 133 -2.41 14.35 -16.86
CA GLN B 133 -3.82 13.96 -16.81
C GLN B 133 -4.05 12.81 -15.83
N GLU B 134 -3.06 11.92 -15.71
CA GLU B 134 -3.14 10.83 -14.73
C GLU B 134 -2.69 11.30 -13.35
N VAL B 135 -1.52 11.92 -13.28
CA VAL B 135 -1.01 12.50 -12.04
C VAL B 135 -1.61 13.89 -11.90
N ASN B 136 -2.86 13.97 -11.47
CA ASN B 136 -3.60 15.22 -11.43
C ASN B 136 -3.51 15.83 -10.03
N ALA B 137 -4.36 16.84 -9.79
CA ALA B 137 -4.30 17.59 -8.54
C ALA B 137 -4.60 16.70 -7.34
N VAL B 138 -5.54 15.76 -7.50
CA VAL B 138 -5.85 14.84 -6.41
C VAL B 138 -4.64 13.99 -6.06
N VAL B 139 -3.89 13.57 -7.09
CA VAL B 139 -2.69 12.77 -6.84
C VAL B 139 -1.62 13.59 -6.15
N LEU B 140 -1.44 14.85 -6.57
CA LEU B 140 -0.49 15.73 -5.91
C LEU B 140 -0.83 15.90 -4.44
N LEU B 141 -2.12 16.04 -4.12
CA LEU B 141 -2.56 16.06 -2.73
C LEU B 141 -2.21 14.76 -2.02
N TYR B 142 -2.39 13.63 -2.71
CA TYR B 142 -2.07 12.33 -2.11
C TYR B 142 -0.58 12.24 -1.79
N MET B 143 0.28 12.73 -2.68
CA MET B 143 1.72 12.63 -2.46
C MET B 143 2.16 13.56 -1.33
N ALA B 144 1.54 14.74 -1.21
CA ALA B 144 1.88 15.62 -0.11
C ALA B 144 1.45 15.04 1.24
N THR B 145 0.30 14.36 1.26
CA THR B 145 -0.18 13.74 2.50
C THR B 145 0.75 12.63 2.95
N GLN B 146 1.23 11.80 2.01
CA GLN B 146 2.14 10.72 2.36
C GLN B 146 3.43 11.26 2.96
N ILE B 147 4.01 12.30 2.34
CA ILE B 147 5.28 12.86 2.82
C ILE B 147 5.11 13.44 4.22
N SER B 148 4.03 14.21 4.44
CA SER B 148 3.81 14.80 5.76
C SER B 148 3.57 13.73 6.80
N SER B 149 3.00 12.59 6.41
CA SER B 149 2.82 11.48 7.33
C SER B 149 4.17 10.95 7.81
N ALA B 150 5.13 10.82 6.90
CA ALA B 150 6.46 10.33 7.28
C ALA B 150 7.19 11.36 8.15
N MET B 151 7.03 12.65 7.84
CA MET B 151 7.69 13.68 8.64
C MET B 151 7.10 13.77 10.04
N GLU B 152 5.79 13.54 10.19
CA GLU B 152 5.20 13.48 11.52
C GLU B 152 5.78 12.31 12.32
N TYR B 153 6.05 11.20 11.64
CA TYR B 153 6.66 10.05 12.31
C TYR B 153 8.07 10.38 12.79
N LEU B 154 8.86 11.03 11.92
CA LEU B 154 10.21 11.44 12.31
C LEU B 154 10.16 12.49 13.42
N GLU B 155 9.09 13.29 13.46
CA GLU B 155 8.96 14.31 14.52
C GLU B 155 8.78 13.67 15.90
N LYS B 156 7.92 12.67 16.06
CA LYS B 156 7.81 12.05 17.39
C LYS B 156 8.96 11.08 17.72
N LYS B 157 9.76 10.64 16.76
CA LYS B 157 10.93 9.86 17.14
C LYS B 157 12.16 10.74 17.38
N ASN B 158 12.01 12.06 17.40
CA ASN B 158 13.10 13.02 17.57
C ASN B 158 14.26 12.73 16.62
N PHE B 159 13.93 12.65 15.34
CA PHE B 159 14.89 12.67 14.24
C PHE B 159 14.69 13.95 13.43
N ILE B 160 15.70 14.28 12.63
CA ILE B 160 15.60 15.36 11.66
C ILE B 160 16.18 14.87 10.35
N HIS B 161 15.64 15.37 9.25
CA HIS B 161 16.02 14.87 7.93
C HIS B 161 17.23 15.63 7.36
N ARG B 162 17.20 16.96 7.40
CA ARG B 162 18.28 17.84 6.99
C ARG B 162 18.48 17.89 5.47
N ASP B 163 17.67 17.19 4.69
CA ASP B 163 17.78 17.26 3.24
C ASP B 163 16.44 16.91 2.59
N LEU B 164 15.38 17.62 2.98
CA LEU B 164 14.05 17.37 2.45
C LEU B 164 13.89 18.06 1.09
N ALA B 165 13.67 17.27 0.04
CA ALA B 165 13.50 17.79 -1.31
C ALA B 165 12.90 16.70 -2.18
N ALA B 166 12.33 17.13 -3.32
CA ALA B 166 11.70 16.17 -4.22
C ALA B 166 12.71 15.17 -4.77
N ARG B 167 13.95 15.60 -4.99
CA ARG B 167 15.00 14.71 -5.47
C ARG B 167 15.30 13.58 -4.48
N ASN B 168 14.96 13.77 -3.20
CA ASN B 168 15.20 12.76 -2.18
C ASN B 168 13.91 12.05 -1.76
N CYS B 169 12.89 12.06 -2.61
CA CYS B 169 11.69 11.27 -2.42
C CYS B 169 11.59 10.24 -3.53
N LEU B 170 11.22 9.02 -3.18
CA LEU B 170 11.18 7.92 -4.12
C LEU B 170 9.73 7.49 -4.36
N VAL B 171 9.42 7.15 -5.61
CA VAL B 171 8.06 6.88 -6.05
C VAL B 171 7.96 5.41 -6.48
N GLY B 172 6.97 4.70 -5.93
CA GLY B 172 6.67 3.35 -6.32
C GLY B 172 5.40 3.27 -7.13
N GLU B 173 4.83 2.06 -7.17
CA GLU B 173 3.60 1.84 -7.91
C GLU B 173 2.42 2.48 -7.19
N ASN B 174 1.41 2.87 -7.97
CA ASN B 174 0.18 3.47 -7.47
C ASN B 174 0.46 4.78 -6.71
N HIS B 175 1.37 5.58 -7.26
CA HIS B 175 1.67 6.91 -6.72
C HIS B 175 2.13 6.84 -5.26
N LEU B 176 2.72 5.71 -4.87
CA LEU B 176 3.27 5.57 -3.54
C LEU B 176 4.58 6.33 -3.43
N VAL B 177 4.70 7.17 -2.40
CA VAL B 177 5.87 8.01 -2.19
C VAL B 177 6.51 7.62 -0.86
N LYS B 178 7.83 7.47 -0.86
CA LYS B 178 8.59 7.19 0.34
C LYS B 178 9.74 8.18 0.45
N VAL B 179 9.95 8.70 1.66
CA VAL B 179 11.01 9.65 1.93
C VAL B 179 12.32 8.89 2.18
N ALA B 180 13.39 9.34 1.54
CA ALA B 180 14.70 8.70 1.68
C ALA B 180 15.27 8.99 3.06
N ASP B 181 15.42 7.94 3.87
CA ASP B 181 15.88 8.10 5.26
C ASP B 181 17.28 7.52 5.45
N PHE B 182 18.27 8.06 4.74
CA PHE B 182 19.63 7.54 4.80
C PHE B 182 20.61 8.44 5.53
N GLY B 183 20.34 9.75 5.57
CA GLY B 183 21.20 10.68 6.28
C GLY B 183 20.55 11.26 7.52
N LEU B 184 19.66 10.50 8.15
CA LEU B 184 18.94 11.00 9.31
C LEU B 184 19.89 11.30 10.45
N SER B 185 19.56 12.32 11.23
CA SER B 185 20.32 12.69 12.41
C SER B 185 19.44 12.53 13.64
N ARG B 186 20.02 11.99 14.70
CA ARG B 186 19.34 11.75 15.96
C ARG B 186 19.57 12.92 16.90
N LEU B 187 18.48 13.41 17.53
CA LEU B 187 18.58 14.48 18.52
C LEU B 187 18.83 13.87 19.89
N MET B 188 20.11 13.86 20.31
CA MET B 188 20.47 13.31 21.61
C MET B 188 20.09 14.26 22.74
N THR B 189 20.37 15.55 22.57
CA THR B 189 20.08 16.56 23.59
C THR B 189 19.52 17.79 22.89
N GLY B 190 18.30 18.17 23.26
CA GLY B 190 17.76 19.43 22.81
C GLY B 190 17.07 19.35 21.47
N ASP B 191 16.82 20.54 20.92
CA ASP B 191 16.03 20.71 19.71
C ASP B 191 16.87 20.87 18.45
N THR B 192 18.10 21.34 18.56
CA THR B 192 18.85 21.87 17.42
C THR B 192 20.08 21.02 17.16
N TYR B 193 20.27 20.65 15.89
CA TYR B 193 21.45 19.97 15.40
C TYR B 193 22.36 20.95 14.66
N THR B 194 23.66 20.79 14.82
CA THR B 194 24.65 21.65 14.18
C THR B 194 25.50 20.82 13.23
N ALA B 195 25.49 21.18 11.95
CA ALA B 195 26.33 20.53 10.96
C ALA B 195 27.77 21.05 11.06
N HIS B 196 28.71 20.22 10.60
CA HIS B 196 30.12 20.59 10.65
C HIS B 196 30.35 21.86 9.85
N ALA B 197 31.13 22.78 10.42
CA ALA B 197 31.40 24.05 9.75
C ALA B 197 32.08 23.81 8.41
N GLY B 198 31.68 24.58 7.41
CA GLY B 198 32.15 24.41 6.06
C GLY B 198 31.27 23.54 5.18
N ALA B 199 30.28 22.87 5.77
CA ALA B 199 29.37 22.06 4.97
C ALA B 199 28.48 22.95 4.11
N LYS B 200 28.25 22.53 2.88
CA LYS B 200 27.46 23.28 1.92
C LYS B 200 26.03 22.73 1.91
N PHE B 201 25.06 23.64 2.00
CA PHE B 201 23.66 23.25 1.98
C PHE B 201 23.01 23.64 0.67
N PRO B 202 21.95 22.94 0.26
CA PRO B 202 21.11 23.44 -0.85
C PRO B 202 20.40 24.71 -0.44
N ILE B 203 20.85 25.85 -0.98
CA ILE B 203 20.42 27.15 -0.48
C ILE B 203 18.90 27.29 -0.55
N LYS B 204 18.32 26.94 -1.69
CA LYS B 204 16.90 27.22 -1.91
C LYS B 204 15.96 26.31 -1.13
N TRP B 205 16.46 25.29 -0.46
CA TRP B 205 15.64 24.44 0.40
C TRP B 205 15.91 24.64 1.88
N THR B 206 16.81 25.55 2.24
CA THR B 206 17.34 25.63 3.60
C THR B 206 16.70 26.79 4.34
N ALA B 207 16.25 26.51 5.57
CA ALA B 207 15.66 27.54 6.40
C ALA B 207 16.69 28.63 6.70
N PRO B 208 16.24 29.88 6.88
CA PRO B 208 17.20 30.97 7.12
C PRO B 208 18.03 30.82 8.37
N GLU B 209 17.48 30.21 9.43
CA GLU B 209 18.27 29.97 10.63
C GLU B 209 19.45 29.04 10.34
N SER B 210 19.31 28.14 9.39
CA SER B 210 20.40 27.23 9.05
C SER B 210 21.40 27.89 8.11
N LEU B 211 20.96 28.83 7.28
CA LEU B 211 21.88 29.56 6.43
C LEU B 211 22.77 30.48 7.25
N ALA B 212 22.21 31.08 8.30
CA ALA B 212 22.96 32.05 9.09
C ALA B 212 23.82 31.38 10.16
N TYR B 213 23.31 30.33 10.82
CA TYR B 213 23.95 29.79 12.00
C TYR B 213 24.27 28.30 11.89
N ASN B 214 24.03 27.68 10.75
CA ASN B 214 24.33 26.26 10.53
C ASN B 214 23.65 25.35 11.56
N LYS B 215 22.51 25.76 12.09
CA LYS B 215 21.76 24.96 13.06
C LYS B 215 20.45 24.52 12.44
N PHE B 216 20.14 23.23 12.58
CA PHE B 216 18.98 22.61 11.97
C PHE B 216 18.08 22.04 13.06
N SER B 217 16.77 22.08 12.79
CA SER B 217 15.79 21.55 13.72
C SER B 217 14.64 20.97 12.90
N ILE B 218 13.67 20.37 13.59
CA ILE B 218 12.47 19.90 12.90
C ILE B 218 11.71 21.06 12.28
N LYS B 219 11.88 22.28 12.83
CA LYS B 219 11.25 23.45 12.24
C LYS B 219 11.90 23.83 10.92
N SER B 220 13.21 23.60 10.77
CA SER B 220 13.86 23.85 9.49
C SER B 220 13.44 22.80 8.46
N ASP B 221 13.12 21.58 8.91
CA ASP B 221 12.54 20.59 8.00
C ASP B 221 11.16 21.02 7.54
N VAL B 222 10.39 21.67 8.42
CA VAL B 222 9.08 22.19 8.03
C VAL B 222 9.24 23.23 6.92
N TRP B 223 10.27 24.06 7.00
CA TRP B 223 10.55 25.01 5.93
C TRP B 223 10.83 24.29 4.62
N ALA B 224 11.71 23.28 4.66
CA ALA B 224 12.02 22.52 3.46
C ALA B 224 10.79 21.83 2.91
N PHE B 225 9.88 21.39 3.78
CA PHE B 225 8.64 20.77 3.31
C PHE B 225 7.77 21.76 2.54
N GLY B 226 7.79 23.03 2.94
CA GLY B 226 7.06 24.03 2.16
C GLY B 226 7.62 24.18 0.76
N VAL B 227 8.94 24.22 0.62
CA VAL B 227 9.56 24.27 -0.70
C VAL B 227 9.26 22.98 -1.45
N LEU B 228 9.22 21.85 -0.74
CA LEU B 228 8.84 20.60 -1.38
C LEU B 228 7.40 20.65 -1.88
N LEU B 229 6.51 21.25 -1.09
CA LEU B 229 5.13 21.48 -1.54
C LEU B 229 5.12 22.30 -2.82
N TRP B 230 5.94 23.34 -2.87
CA TRP B 230 6.00 24.18 -4.07
C TRP B 230 6.52 23.41 -5.27
N GLU B 231 7.48 22.50 -5.04
CA GLU B 231 7.96 21.64 -6.12
C GLU B 231 6.84 20.76 -6.66
N ILE B 232 6.06 20.15 -5.77
CA ILE B 232 4.97 19.28 -6.18
C ILE B 232 3.93 20.06 -6.97
N ALA B 233 3.55 21.24 -6.48
CA ALA B 233 2.49 22.01 -7.11
C ALA B 233 2.86 22.54 -8.49
N THR B 234 4.16 22.67 -8.79
CA THR B 234 4.61 23.17 -10.09
C THR B 234 5.05 22.06 -11.03
N TYR B 235 4.84 20.80 -10.65
CA TYR B 235 5.30 19.64 -11.43
C TYR B 235 6.82 19.69 -11.65
N GLY B 236 7.56 20.07 -10.63
CA GLY B 236 9.00 19.96 -10.64
C GLY B 236 9.76 21.17 -11.12
N MET B 237 9.22 22.37 -10.95
CA MET B 237 9.96 23.57 -11.26
C MET B 237 11.03 23.81 -10.19
N SER B 238 12.13 24.41 -10.61
CA SER B 238 13.17 24.80 -9.65
C SER B 238 12.65 25.95 -8.79
N PRO B 239 12.82 25.89 -7.48
CA PRO B 239 12.35 27.00 -6.63
C PRO B 239 13.13 28.27 -6.90
N TYR B 240 12.49 29.40 -6.59
CA TYR B 240 12.99 30.74 -6.85
C TYR B 240 13.61 30.84 -8.25
N PRO B 241 12.84 30.59 -9.30
CA PRO B 241 13.42 30.52 -10.64
C PRO B 241 14.03 31.85 -11.07
N GLY B 242 15.30 31.80 -11.47
CA GLY B 242 15.99 32.96 -11.99
C GLY B 242 16.63 33.87 -10.97
N ILE B 243 16.47 33.59 -9.68
CA ILE B 243 17.02 34.43 -8.62
C ILE B 243 18.43 33.98 -8.28
N ASP B 244 19.37 34.92 -8.30
CA ASP B 244 20.75 34.65 -7.93
C ASP B 244 20.84 34.09 -6.51
N LEU B 245 21.60 33.01 -6.34
CA LEU B 245 21.71 32.35 -5.04
C LEU B 245 22.20 33.30 -3.96
N SER B 246 23.04 34.27 -4.30
CA SER B 246 23.59 35.17 -3.30
C SER B 246 22.53 36.09 -2.68
N GLN B 247 21.36 36.21 -3.30
CA GLN B 247 20.32 37.11 -2.81
C GLN B 247 19.25 36.42 -1.98
N VAL B 248 19.31 35.09 -1.86
CA VAL B 248 18.19 34.35 -1.26
C VAL B 248 17.99 34.75 0.20
N TYR B 249 19.07 34.74 1.00
CA TYR B 249 18.92 35.01 2.42
C TYR B 249 18.38 36.42 2.66
N GLU B 250 18.95 37.41 1.97
CA GLU B 250 18.51 38.79 2.15
C GLU B 250 17.07 38.97 1.70
N LEU B 251 16.69 38.35 0.58
CA LEU B 251 15.31 38.42 0.12
C LEU B 251 14.36 37.80 1.13
N LEU B 252 14.72 36.65 1.68
CA LEU B 252 13.88 36.00 2.69
C LEU B 252 13.78 36.85 3.95
N GLU B 253 14.88 37.49 4.35
CA GLU B 253 14.86 38.36 5.51
C GLU B 253 13.91 39.53 5.32
N LYS B 254 13.86 40.07 4.10
CA LYS B 254 12.99 41.19 3.78
C LYS B 254 11.59 40.75 3.36
N ASP B 255 11.18 39.53 3.73
CA ASP B 255 9.83 39.00 3.59
C ASP B 255 9.45 38.60 2.18
N TYR B 256 10.41 38.42 1.27
CA TYR B 256 10.09 37.84 -0.03
C TYR B 256 9.80 36.35 0.12
N ARG B 257 8.70 35.91 -0.48
CA ARG B 257 8.37 34.49 -0.55
C ARG B 257 7.94 34.17 -1.97
N MET B 258 7.93 32.87 -2.28
CA MET B 258 7.51 32.45 -3.60
C MET B 258 6.02 32.65 -3.76
N GLU B 259 5.62 33.04 -4.98
CA GLU B 259 4.23 33.29 -5.32
C GLU B 259 3.49 31.96 -5.48
N ARG B 260 2.18 32.04 -5.35
CA ARG B 260 1.34 30.86 -5.48
C ARG B 260 1.38 30.32 -6.90
N PRO B 261 1.70 29.05 -7.10
CA PRO B 261 1.71 28.48 -8.46
C PRO B 261 0.32 28.46 -9.05
N GLU B 262 0.26 28.50 -10.37
CA GLU B 262 -1.03 28.44 -11.07
C GLU B 262 -1.70 27.10 -10.76
N GLY B 263 -2.98 27.16 -10.40
CA GLY B 263 -3.75 25.98 -10.09
C GLY B 263 -3.58 25.44 -8.68
N CYS B 264 -2.76 26.07 -7.86
CA CYS B 264 -2.59 25.60 -6.49
C CYS B 264 -3.74 26.11 -5.62
N PRO B 265 -4.43 25.22 -4.88
CA PRO B 265 -5.51 25.68 -4.01
C PRO B 265 -5.02 26.69 -2.98
N GLU B 266 -5.92 27.61 -2.61
CA GLU B 266 -5.55 28.69 -1.70
C GLU B 266 -5.25 28.16 -0.30
N LYS B 267 -6.07 27.22 0.18
CA LYS B 267 -5.92 26.70 1.53
C LYS B 267 -4.71 25.79 1.65
N VAL B 268 -4.13 25.39 0.51
CA VAL B 268 -2.83 24.71 0.46
C VAL B 268 -1.69 25.73 0.44
N TYR B 269 -1.86 26.85 -0.28
CA TYR B 269 -0.81 27.85 -0.35
C TYR B 269 -0.57 28.54 0.99
N GLU B 270 -1.63 28.76 1.79
CA GLU B 270 -1.40 29.34 3.11
C GLU B 270 -0.60 28.38 3.98
N LEU B 271 -0.83 27.07 3.81
CA LEU B 271 0.01 26.09 4.48
C LEU B 271 1.47 26.24 4.07
N MET B 272 1.71 26.43 2.77
CA MET B 272 3.06 26.74 2.28
C MET B 272 3.64 27.95 3.01
N ARG B 273 2.88 29.05 3.05
CA ARG B 273 3.35 30.27 3.68
C ARG B 273 3.58 30.10 5.17
N ALA B 274 2.76 29.27 5.83
CA ALA B 274 2.96 29.00 7.24
C ALA B 274 4.28 28.28 7.48
N CYS B 275 4.68 27.40 6.56
CA CYS B 275 5.96 26.72 6.67
C CYS B 275 7.13 27.69 6.51
N TRP B 276 6.93 28.82 5.86
CA TRP B 276 7.99 29.77 5.56
C TRP B 276 7.99 30.96 6.50
N GLN B 277 7.40 30.83 7.69
CA GLN B 277 7.52 31.88 8.69
C GLN B 277 8.97 32.07 9.06
N TRP B 278 9.35 33.34 9.31
CA TRP B 278 10.72 33.65 9.67
C TRP B 278 11.11 33.01 11.00
N ASN B 279 10.27 33.16 12.01
CA ASN B 279 10.54 32.58 13.32
C ASN B 279 10.23 31.08 13.28
N PRO B 280 11.20 30.21 13.59
CA PRO B 280 10.92 28.75 13.57
C PRO B 280 9.76 28.35 14.46
N SER B 281 9.64 28.95 15.65
CA SER B 281 8.55 28.60 16.55
C SER B 281 7.19 29.05 16.04
N ASP B 282 7.13 29.89 15.01
CA ASP B 282 5.87 30.29 14.40
C ASP B 282 5.46 29.36 13.26
N ARG B 283 6.32 28.38 12.87
CA ARG B 283 5.94 27.41 11.85
C ARG B 283 5.19 26.25 12.49
N PRO B 284 4.23 25.67 11.77
CA PRO B 284 3.46 24.57 12.34
C PRO B 284 4.31 23.31 12.46
N SER B 285 3.86 22.43 13.36
CA SER B 285 4.48 21.11 13.48
C SER B 285 4.00 20.22 12.34
N PHE B 286 4.71 19.11 12.14
CA PHE B 286 4.28 18.16 11.13
C PHE B 286 3.00 17.44 11.52
N ALA B 287 2.69 17.36 12.81
CA ALA B 287 1.40 16.82 13.22
C ALA B 287 0.27 17.71 12.74
N GLU B 288 0.42 19.04 12.88
CA GLU B 288 -0.58 19.95 12.35
C GLU B 288 -0.64 19.89 10.83
N ILE B 289 0.52 19.75 10.19
CA ILE B 289 0.56 19.72 8.73
C ILE B 289 -0.07 18.44 8.20
N HIS B 290 0.26 17.29 8.80
CA HIS B 290 -0.34 16.03 8.38
C HIS B 290 -1.85 16.03 8.57
N GLN B 291 -2.32 16.51 9.72
CA GLN B 291 -3.76 16.56 9.97
C GLN B 291 -4.46 17.45 8.95
N ALA B 292 -3.86 18.59 8.61
CA ALA B 292 -4.46 19.48 7.62
C ALA B 292 -4.56 18.81 6.25
N PHE B 293 -3.52 18.06 5.87
CA PHE B 293 -3.53 17.43 4.54
C PHE B 293 -4.42 16.21 4.50
N GLU B 294 -4.51 15.45 5.59
CA GLU B 294 -5.44 14.32 5.63
C GLU B 294 -6.87 14.79 5.47
N THR B 295 -7.22 15.89 6.12
CA THR B 295 -8.57 16.45 6.00
C THR B 295 -8.84 16.93 4.58
N MET B 296 -7.91 17.68 4.00
CA MET B 296 -8.09 18.17 2.63
C MET B 296 -8.20 17.02 1.64
N PHE B 297 -7.47 15.93 1.90
CA PHE B 297 -7.44 14.83 0.94
C PHE B 297 -8.77 14.09 0.90
N GLN B 298 -9.41 13.88 2.06
CA GLN B 298 -10.73 13.24 2.03
C GLN B 298 -11.77 14.17 1.44
N GLU B 299 -11.66 15.48 1.70
CA GLU B 299 -12.70 16.41 1.30
C GLU B 299 -12.83 16.53 -0.21
N SER B 300 -11.94 15.90 -0.97
CA SER B 300 -12.12 15.75 -2.41
C SER B 300 -12.81 14.41 -2.60
N SER B 301 -14.14 14.43 -2.54
CA SER B 301 -14.94 13.22 -2.59
C SER B 301 -16.41 13.55 -2.81
#